data_4PWJ
#
_entry.id   4PWJ
#
_cell.length_a   43.565
_cell.length_b   85.391
_cell.length_c   64.221
_cell.angle_alpha   90.00
_cell.angle_beta   90.00
_cell.angle_gamma   90.00
#
_symmetry.space_group_name_H-M   'P 21 21 2'
#
loop_
_entity.id
_entity.type
_entity.pdbx_description
1 polymer Transthyretin
2 non-polymer 4-[(2R,3S)-3-[(3,4-DIHYDROXYPHENYL)METHYL]-2-METHYLBUTYL]BENZENE-1,2-DIOL
3 water water
#
_entity_poly.entity_id   1
_entity_poly.type   'polypeptide(L)'
_entity_poly.pdbx_seq_one_letter_code
;MRGSHHHHHHGSMASHRLLLLCLAGLVFVSEAGPTGTGESKCPLMVKVLDAVRGSPAINVAMHVFRKAADDTWEPFASGK
TSESGELHGLTTEEEFVEGIYKVEIDTKSYWKALGISPFHEHAEVVFTANDSGPRRYTIAALLSPYSYSTTAVVTNPKE
;
_entity_poly.pdbx_strand_id   A,B
#
loop_
_chem_comp.id
_chem_comp.type
_chem_comp.name
_chem_comp.formula
30Z non-polymer 4-[(2R,3S)-3-[(3,4-DIHYDROXYPHENYL)METHYL]-2-METHYLBUTYL]BENZENE-1,2-DIOL 'C18 H22 O4'
#
# COMPACT_ATOMS: atom_id res chain seq x y z
N CYS A 42 -2.57 -0.48 -23.22
CA CYS A 42 -3.79 -0.56 -22.37
C CYS A 42 -3.91 0.71 -21.53
N PRO A 43 -5.11 0.96 -20.99
CA PRO A 43 -5.30 2.03 -20.02
C PRO A 43 -4.73 1.72 -18.63
N LEU A 44 -4.49 0.44 -18.34
CA LEU A 44 -3.97 0.04 -17.02
C LEU A 44 -2.94 -1.05 -17.19
N MET A 45 -1.72 -0.79 -16.76
CA MET A 45 -0.65 -1.80 -16.78
C MET A 45 0.06 -1.80 -15.43
N VAL A 46 0.49 -2.97 -14.97
CA VAL A 46 1.25 -3.08 -13.71
C VAL A 46 2.60 -3.73 -13.98
N LYS A 47 3.67 -3.12 -13.47
CA LYS A 47 5.05 -3.63 -13.63
C LYS A 47 5.65 -3.86 -12.23
N VAL A 48 6.19 -5.04 -12.00
CA VAL A 48 6.69 -5.40 -10.66
C VAL A 48 8.14 -5.86 -10.81
N LEU A 49 9.00 -5.29 -9.99
CA LEU A 49 10.43 -5.65 -9.97
C LEU A 49 10.83 -6.21 -8.61
N ASP A 50 11.86 -7.04 -8.62
CA ASP A 50 12.39 -7.66 -7.41
C ASP A 50 13.77 -7.05 -7.09
N ALA A 51 13.84 -6.36 -5.94
CA ALA A 51 15.04 -5.65 -5.51
C ALA A 51 16.14 -6.56 -4.90
N VAL A 52 15.79 -7.80 -4.58
CA VAL A 52 16.73 -8.77 -4.00
C VAL A 52 17.50 -9.48 -5.10
N ARG A 53 16.80 -9.81 -6.18
CA ARG A 53 17.41 -10.55 -7.28
C ARG A 53 17.78 -9.72 -8.49
N GLY A 54 17.35 -8.44 -8.52
CA GLY A 54 17.66 -7.55 -9.66
C GLY A 54 17.00 -8.04 -10.94
N SER A 55 15.71 -8.33 -10.86
CA SER A 55 15.01 -8.98 -11.95
C SER A 55 13.57 -8.52 -11.97
N PRO A 56 12.87 -8.76 -13.08
CA PRO A 56 11.41 -8.63 -12.96
C PRO A 56 10.87 -9.61 -11.94
N ALA A 57 9.73 -9.29 -11.36
CA ALA A 57 9.06 -10.20 -10.43
C ALA A 57 8.00 -10.97 -11.25
N ILE A 58 8.30 -12.23 -11.54
CA ILE A 58 7.53 -13.03 -12.49
C ILE A 58 6.44 -13.84 -11.78
N ASN A 59 5.31 -14.00 -12.44
CA ASN A 59 4.19 -14.80 -11.92
C ASN A 59 3.65 -14.27 -10.60
N VAL A 60 3.64 -12.95 -10.45
CA VAL A 60 3.04 -12.32 -9.31
C VAL A 60 1.56 -12.12 -9.56
N ALA A 61 0.74 -12.67 -8.70
CA ALA A 61 -0.72 -12.54 -8.83
C ALA A 61 -1.19 -11.20 -8.31
N MET A 62 -2.23 -10.66 -8.95
CA MET A 62 -2.87 -9.48 -8.42
C MET A 62 -4.32 -9.43 -8.83
N HIS A 63 -5.11 -8.77 -7.99
CA HIS A 63 -6.53 -8.58 -8.23
C HIS A 63 -6.81 -7.08 -8.19
N VAL A 64 -7.62 -6.64 -9.16
CA VAL A 64 -8.05 -5.26 -9.22
C VAL A 64 -9.52 -5.19 -8.82
N PHE A 65 -9.87 -4.16 -8.01
CA PHE A 65 -11.24 -3.97 -7.52
C PHE A 65 -11.65 -2.53 -7.82
N ARG A 66 -12.96 -2.32 -7.93
CA ARG A 66 -13.50 -0.98 -8.16
C ARG A 66 -14.56 -0.71 -7.13
N LYS A 67 -14.55 0.50 -6.57
CA LYS A 67 -15.53 0.81 -5.54
C LYS A 67 -16.92 1.04 -6.13
N ALA A 68 -17.89 0.28 -5.60
CA ALA A 68 -19.28 0.36 -6.05
C ALA A 68 -20.03 1.51 -5.38
N ALA A 69 -21.21 1.82 -5.90
CA ALA A 69 -22.04 2.90 -5.36
C ALA A 69 -22.33 2.74 -3.86
N ASP A 70 -22.44 1.49 -3.41
CA ASP A 70 -22.70 1.15 -1.99
C ASP A 70 -21.44 1.07 -1.13
N ASP A 71 -20.31 1.53 -1.68
CA ASP A 71 -19.02 1.57 -0.95
C ASP A 71 -18.30 0.23 -0.77
N THR A 72 -18.77 -0.82 -1.42
CA THR A 72 -18.07 -2.11 -1.38
C THR A 72 -17.05 -2.19 -2.52
N TRP A 73 -16.04 -3.04 -2.36
CA TRP A 73 -15.07 -3.34 -3.43
C TRP A 73 -15.54 -4.46 -4.34
N GLU A 74 -15.87 -4.12 -5.58
CA GLU A 74 -16.31 -5.12 -6.53
C GLU A 74 -15.13 -5.63 -7.36
N PRO A 75 -15.03 -6.94 -7.58
CA PRO A 75 -13.96 -7.44 -8.45
C PRO A 75 -14.04 -6.78 -9.84
N PHE A 76 -12.88 -6.42 -10.38
CA PHE A 76 -12.79 -5.71 -11.65
C PHE A 76 -11.95 -6.48 -12.69
N ALA A 77 -10.76 -6.96 -12.31
CA ALA A 77 -9.91 -7.74 -13.21
C ALA A 77 -8.86 -8.42 -12.36
N SER A 78 -8.17 -9.39 -12.95
CA SER A 78 -7.06 -10.05 -12.26
C SER A 78 -6.14 -10.70 -13.26
N GLY A 79 -4.94 -11.04 -12.78
CA GLY A 79 -3.95 -11.63 -13.65
C GLY A 79 -2.65 -11.84 -12.91
N LYS A 80 -1.64 -12.28 -13.65
CA LYS A 80 -0.31 -12.55 -13.09
C LYS A 80 0.75 -11.92 -13.97
N THR A 81 1.84 -11.47 -13.39
CA THR A 81 2.90 -10.87 -14.22
C THR A 81 3.59 -11.88 -15.13
N SER A 82 3.99 -11.40 -16.30
CA SER A 82 4.70 -12.19 -17.30
C SER A 82 6.18 -12.30 -16.95
N GLU A 83 6.97 -12.90 -17.85
CA GLU A 83 8.40 -13.04 -17.63
C GLU A 83 9.09 -11.68 -17.56
N SER A 84 8.46 -10.63 -18.10
CA SER A 84 9.04 -9.29 -18.03
C SER A 84 8.54 -8.53 -16.81
N GLY A 85 7.77 -9.23 -15.96
CA GLY A 85 7.25 -8.64 -14.70
C GLY A 85 6.08 -7.70 -14.94
N GLU A 86 5.45 -7.82 -16.12
CA GLU A 86 4.37 -6.91 -16.52
C GLU A 86 3.05 -7.64 -16.64
N LEU A 87 1.98 -6.91 -16.34
CA LEU A 87 0.65 -7.41 -16.56
C LEU A 87 -0.12 -6.38 -17.36
N HIS A 88 -0.49 -6.81 -18.57
CA HIS A 88 -1.18 -6.02 -19.58
C HIS A 88 -2.60 -6.57 -19.77
N GLY A 89 -3.45 -5.81 -20.47
CA GLY A 89 -4.77 -6.32 -20.90
C GLY A 89 -5.80 -6.50 -19.79
N LEU A 90 -5.64 -5.78 -18.67
CA LEU A 90 -6.58 -5.88 -17.58
C LEU A 90 -7.94 -5.31 -17.93
N THR A 91 -7.97 -4.25 -18.74
CA THR A 91 -9.23 -3.58 -19.05
C THR A 91 -9.19 -2.89 -20.40
N THR A 92 -10.29 -2.20 -20.74
CA THR A 92 -10.35 -1.43 -21.97
C THR A 92 -10.70 0.01 -21.64
N GLU A 93 -10.48 0.92 -22.59
CA GLU A 93 -10.82 2.31 -22.36
C GLU A 93 -12.32 2.52 -22.05
N GLU A 94 -13.19 1.71 -22.67
CA GLU A 94 -14.63 1.86 -22.45
C GLU A 94 -15.06 1.31 -21.08
N GLU A 95 -14.49 0.17 -20.67
CA GLU A 95 -14.80 -0.41 -19.38
C GLU A 95 -14.20 0.37 -18.21
N PHE A 96 -13.06 1.02 -18.45
CA PHE A 96 -12.28 1.68 -17.38
C PHE A 96 -12.82 3.07 -17.12
N VAL A 97 -14.01 3.13 -16.55
CA VAL A 97 -14.69 4.39 -16.31
C VAL A 97 -14.10 5.11 -15.07
N GLU A 98 -14.53 6.33 -14.81
CA GLU A 98 -14.18 7.02 -13.54
C GLU A 98 -14.52 6.17 -12.33
N GLY A 99 -13.66 6.24 -11.32
CA GLY A 99 -13.99 5.57 -10.06
C GLY A 99 -12.76 5.40 -9.21
N ILE A 100 -12.95 4.76 -8.07
CA ILE A 100 -11.82 4.43 -7.16
C ILE A 100 -11.48 2.96 -7.36
N TYR A 101 -10.20 2.70 -7.68
CA TYR A 101 -9.73 1.36 -7.99
C TYR A 101 -8.71 0.93 -6.96
N LYS A 102 -8.64 -0.37 -6.69
CA LYS A 102 -7.64 -0.93 -5.77
C LYS A 102 -6.93 -2.05 -6.50
N VAL A 103 -5.60 -2.00 -6.53
CA VAL A 103 -4.83 -3.12 -7.05
C VAL A 103 -4.18 -3.78 -5.85
N GLU A 104 -4.51 -5.04 -5.59
CA GLU A 104 -3.89 -5.80 -4.50
C GLU A 104 -2.90 -6.79 -5.09
N ILE A 105 -1.62 -6.58 -4.82
CA ILE A 105 -0.57 -7.39 -5.42
C ILE A 105 -0.14 -8.43 -4.42
N ASP A 106 -0.21 -9.71 -4.79
CA ASP A 106 0.09 -10.78 -3.81
C ASP A 106 1.60 -10.99 -3.66
N THR A 107 2.22 -10.08 -2.91
CA THR A 107 3.66 -10.10 -2.73
C THR A 107 4.08 -11.21 -1.76
N LYS A 108 3.22 -11.53 -0.79
CA LYS A 108 3.58 -12.59 0.15
C LYS A 108 3.81 -13.95 -0.53
N SER A 109 2.90 -14.38 -1.43
CA SER A 109 3.06 -15.66 -2.12
C SER A 109 4.33 -15.66 -2.95
N TYR A 110 4.62 -14.51 -3.57
CA TYR A 110 5.85 -14.34 -4.36
C TYR A 110 7.11 -14.68 -3.53
N TRP A 111 7.26 -14.01 -2.38
CA TRP A 111 8.40 -14.24 -1.52
C TRP A 111 8.43 -15.65 -0.93
N LYS A 112 7.26 -16.16 -0.55
CA LYS A 112 7.16 -17.50 0.07
C LYS A 112 7.65 -18.56 -0.90
N ALA A 113 7.33 -18.37 -2.17
CA ALA A 113 7.77 -19.31 -3.21
C ALA A 113 9.30 -19.28 -3.43
N LEU A 114 9.95 -18.17 -3.05
CA LEU A 114 11.40 -18.08 -3.07
C LEU A 114 12.06 -18.47 -1.73
N GLY A 115 11.27 -18.93 -0.78
CA GLY A 115 11.80 -19.39 0.50
C GLY A 115 11.85 -18.32 1.57
N ILE A 116 11.29 -17.16 1.25
CA ILE A 116 11.36 -15.98 2.13
C ILE A 116 10.02 -15.71 2.81
N SER A 117 10.06 -15.49 4.12
CA SER A 117 8.89 -15.01 4.88
C SER A 117 8.90 -13.50 4.98
N PRO A 118 8.08 -12.83 4.17
CA PRO A 118 8.13 -11.38 4.10
C PRO A 118 7.29 -10.68 5.16
N PHE A 119 7.42 -9.36 5.25
CA PHE A 119 6.67 -8.62 6.26
C PHE A 119 5.22 -8.45 5.82
N HIS A 120 5.01 -7.98 4.58
CA HIS A 120 3.66 -7.59 4.15
C HIS A 120 2.80 -8.76 3.65
N GLU A 121 1.49 -8.66 3.87
CA GLU A 121 0.54 -9.62 3.30
C GLU A 121 0.39 -9.43 1.79
N HIS A 122 0.38 -8.16 1.37
CA HIS A 122 0.25 -7.79 -0.02
C HIS A 122 0.68 -6.32 -0.15
N ALA A 123 0.83 -5.85 -1.38
CA ALA A 123 1.04 -4.43 -1.63
C ALA A 123 -0.28 -3.93 -2.21
N GLU A 124 -0.75 -2.79 -1.72
CA GLU A 124 -2.06 -2.28 -2.07
C GLU A 124 -1.91 -0.90 -2.70
N VAL A 125 -2.54 -0.68 -3.85
CA VAL A 125 -2.45 0.60 -4.52
C VAL A 125 -3.91 1.07 -4.77
N VAL A 126 -4.33 2.15 -4.10
CA VAL A 126 -5.72 2.63 -4.22
C VAL A 126 -5.71 4.04 -4.76
N PHE A 127 -6.48 4.27 -5.82
CA PHE A 127 -6.42 5.52 -6.55
C PHE A 127 -7.72 5.84 -7.27
N THR A 128 -8.01 7.14 -7.41
CA THR A 128 -9.11 7.56 -8.26
C THR A 128 -8.59 7.62 -9.69
N ALA A 129 -9.31 7.04 -10.63
CA ALA A 129 -8.87 7.04 -12.01
C ALA A 129 -9.87 7.80 -12.88
N ASN A 130 -9.34 8.47 -13.90
CA ASN A 130 -10.11 9.07 -15.01
C ASN A 130 -11.04 10.19 -14.59
N ASP A 131 -10.71 10.84 -13.48
CA ASP A 131 -11.52 11.89 -12.90
C ASP A 131 -11.59 13.13 -13.80
N SER A 132 -10.57 13.34 -14.62
CA SER A 132 -10.54 14.49 -15.52
C SER A 132 -10.49 14.04 -16.97
N GLY A 133 -11.15 12.92 -17.27
CA GLY A 133 -11.13 12.35 -18.60
C GLY A 133 -10.19 11.14 -18.60
N PRO A 134 -10.16 10.39 -19.73
CA PRO A 134 -9.37 9.14 -19.79
C PRO A 134 -7.89 9.39 -19.69
N ARG A 135 -7.22 8.56 -18.89
CA ARG A 135 -5.76 8.57 -18.80
C ARG A 135 -5.25 7.13 -18.94
N ARG A 136 -3.95 6.99 -19.22
CA ARG A 136 -3.29 5.69 -19.21
C ARG A 136 -2.48 5.61 -17.90
N TYR A 137 -2.57 4.50 -17.20
CA TYR A 137 -1.95 4.35 -15.89
C TYR A 137 -0.98 3.19 -15.90
N THR A 138 0.26 3.46 -15.51
CA THR A 138 1.20 2.39 -15.25
C THR A 138 1.47 2.43 -13.76
N ILE A 139 1.18 1.33 -13.08
N ILE A 139 1.19 1.32 -13.09
CA ILE A 139 1.49 1.21 -11.68
CA ILE A 139 1.42 1.16 -11.65
C ILE A 139 2.77 0.39 -11.61
C ILE A 139 2.69 0.32 -11.45
N ALA A 140 3.77 0.93 -10.95
CA ALA A 140 5.05 0.22 -10.77
C ALA A 140 5.28 -0.11 -9.31
N ALA A 141 5.82 -1.31 -9.04
CA ALA A 141 6.12 -1.67 -7.66
C ALA A 141 7.50 -2.31 -7.62
N LEU A 142 8.30 -1.91 -6.65
CA LEU A 142 9.62 -2.51 -6.41
C LEU A 142 9.55 -3.23 -5.06
N LEU A 143 9.88 -4.52 -5.06
CA LEU A 143 9.67 -5.37 -3.87
C LEU A 143 10.94 -5.84 -3.18
N SER A 144 10.92 -5.75 -1.85
CA SER A 144 11.91 -6.36 -0.97
C SER A 144 11.14 -7.08 0.13
N PRO A 145 11.79 -8.00 0.82
CA PRO A 145 11.02 -8.75 1.81
C PRO A 145 10.39 -7.90 2.91
N TYR A 146 11.06 -6.85 3.35
CA TYR A 146 10.49 -5.99 4.40
C TYR A 146 10.11 -4.60 3.95
N SER A 147 10.01 -4.38 2.64
CA SER A 147 9.75 -3.05 2.13
C SER A 147 9.17 -3.13 0.73
N TYR A 148 8.31 -2.18 0.39
CA TYR A 148 8.01 -2.04 -1.02
C TYR A 148 7.79 -0.57 -1.35
N SER A 149 7.96 -0.24 -2.62
CA SER A 149 7.75 1.12 -3.08
CA SER A 149 7.80 1.12 -3.11
C SER A 149 6.85 1.01 -4.30
N THR A 150 6.01 2.01 -4.48
CA THR A 150 5.12 1.98 -5.59
C THR A 150 4.99 3.38 -6.13
N THR A 151 4.94 3.50 -7.44
CA THR A 151 4.78 4.80 -8.08
C THR A 151 3.79 4.65 -9.22
N ALA A 152 3.28 5.77 -9.69
CA ALA A 152 2.40 5.73 -10.84
C ALA A 152 2.91 6.64 -11.93
N VAL A 153 2.78 6.18 -13.18
CA VAL A 153 2.99 7.02 -14.37
C VAL A 153 1.64 7.20 -15.03
N VAL A 154 1.22 8.45 -15.13
CA VAL A 154 -0.13 8.77 -15.62
C VAL A 154 0.10 9.60 -16.86
N THR A 155 -0.42 9.14 -17.99
CA THR A 155 -0.24 9.87 -19.23
C THR A 155 -1.57 10.13 -19.93
N ASN A 156 -1.61 11.25 -20.63
CA ASN A 156 -2.80 11.68 -21.33
C ASN A 156 -2.83 11.11 -22.75
N PRO A 157 -3.75 10.17 -22.95
CA PRO A 157 -3.87 9.33 -24.16
C PRO A 157 -3.29 9.90 -25.46
N CYS B 42 6.42 0.17 23.85
CA CYS B 42 5.75 0.57 22.58
C CYS B 42 5.94 -0.52 21.52
N PRO B 43 4.95 -1.40 21.34
CA PRO B 43 5.06 -2.51 20.39
C PRO B 43 4.90 -2.11 18.92
N LEU B 44 4.26 -0.96 18.68
CA LEU B 44 3.97 -0.51 17.32
C LEU B 44 4.09 1.00 17.22
N MET B 45 4.92 1.45 16.27
CA MET B 45 5.16 2.87 16.04
C MET B 45 5.10 3.10 14.53
N VAL B 46 4.58 4.26 14.12
CA VAL B 46 4.54 4.59 12.69
C VAL B 46 5.27 5.89 12.49
N LYS B 47 6.16 5.94 11.50
CA LYS B 47 6.89 7.17 11.20
C LYS B 47 6.70 7.55 9.75
N VAL B 48 6.34 8.81 9.49
CA VAL B 48 5.97 9.23 8.14
C VAL B 48 6.86 10.43 7.73
N LEU B 49 7.47 10.34 6.56
CA LEU B 49 8.34 11.40 6.04
C LEU B 49 7.84 11.92 4.70
N ASP B 50 8.19 13.16 4.41
CA ASP B 50 7.76 13.86 3.20
C ASP B 50 8.97 14.03 2.30
N ALA B 51 8.92 13.36 1.14
CA ALA B 51 10.02 13.37 0.16
C ALA B 51 10.11 14.61 -0.75
N VAL B 52 9.07 15.45 -0.71
CA VAL B 52 9.04 16.69 -1.47
C VAL B 52 9.71 17.81 -0.67
N ARG B 53 9.38 17.87 0.62
CA ARG B 53 9.86 18.92 1.50
C ARG B 53 11.07 18.53 2.35
N GLY B 54 11.40 17.23 2.40
CA GLY B 54 12.53 16.77 3.23
C GLY B 54 12.29 16.95 4.72
N SER B 55 11.12 16.53 5.17
CA SER B 55 10.70 16.81 6.53
C SER B 55 9.85 15.66 7.06
N PRO B 56 9.66 15.61 8.38
CA PRO B 56 8.62 14.73 8.87
C PRO B 56 7.29 15.15 8.28
N ALA B 57 6.39 14.20 8.10
CA ALA B 57 5.05 14.52 7.61
C ALA B 57 4.18 14.64 8.86
N ILE B 58 3.84 15.87 9.22
CA ILE B 58 3.16 16.20 10.49
C ILE B 58 1.64 16.19 10.32
N ASN B 59 0.93 15.81 11.40
CA ASN B 59 -0.54 15.80 11.43
C ASN B 59 -1.14 14.87 10.37
N VAL B 60 -0.46 13.79 10.06
CA VAL B 60 -1.02 12.80 9.14
C VAL B 60 -1.88 11.83 9.93
N ALA B 61 -3.15 11.70 9.57
CA ALA B 61 -4.05 10.78 10.26
C ALA B 61 -3.86 9.38 9.77
N MET B 62 -4.02 8.40 10.66
CA MET B 62 -4.08 7.01 10.22
C MET B 62 -4.95 6.20 11.14
N HIS B 63 -5.48 5.09 10.63
CA HIS B 63 -6.23 4.15 11.43
C HIS B 63 -5.56 2.78 11.34
N VAL B 64 -5.61 2.04 12.43
CA VAL B 64 -5.09 0.68 12.48
C VAL B 64 -6.26 -0.27 12.67
N PHE B 65 -6.29 -1.34 11.87
CA PHE B 65 -7.37 -2.34 11.93
C PHE B 65 -6.77 -3.71 12.24
N ARG B 66 -7.57 -4.59 12.85
CA ARG B 66 -7.20 -6.01 12.95
C ARG B 66 -8.21 -6.85 12.18
N LYS B 67 -7.72 -7.86 11.48
CA LYS B 67 -8.60 -8.71 10.68
C LYS B 67 -9.43 -9.61 11.59
N ALA B 68 -10.75 -9.52 11.45
CA ALA B 68 -11.69 -10.33 12.25
C ALA B 68 -11.88 -11.73 11.65
N ALA B 69 -12.54 -12.60 12.42
CA ALA B 69 -12.82 -13.97 11.98
C ALA B 69 -13.72 -14.04 10.72
N ASP B 70 -14.56 -13.03 10.50
CA ASP B 70 -15.40 -12.95 9.31
C ASP B 70 -14.71 -12.26 8.11
N ASP B 71 -13.38 -12.16 8.18
CA ASP B 71 -12.55 -11.55 7.13
C ASP B 71 -12.75 -10.05 6.94
N THR B 72 -13.39 -9.40 7.91
CA THR B 72 -13.58 -7.94 7.88
C THR B 72 -12.57 -7.24 8.79
N TRP B 73 -12.42 -5.93 8.56
CA TRP B 73 -11.44 -5.12 9.27
C TRP B 73 -12.08 -4.42 10.47
N GLU B 74 -11.67 -4.82 11.67
CA GLU B 74 -12.13 -4.19 12.89
C GLU B 74 -11.16 -3.06 13.25
N PRO B 75 -11.67 -1.83 13.31
CA PRO B 75 -10.87 -0.70 13.79
C PRO B 75 -10.38 -0.99 15.19
N PHE B 76 -9.19 -0.56 15.57
N PHE B 76 -9.15 -0.56 15.48
CA PHE B 76 -8.90 -0.58 17.00
CA PHE B 76 -8.30 -1.04 16.60
C PHE B 76 -8.03 0.56 17.51
C PHE B 76 -7.57 0.08 17.37
N ALA B 77 -7.21 1.15 16.64
CA ALA B 77 -6.40 2.26 17.11
C ALA B 77 -6.30 3.29 15.99
N SER B 78 -6.05 4.54 16.39
CA SER B 78 -5.77 5.61 15.43
C SER B 78 -5.11 6.78 16.09
N GLY B 79 -4.65 7.73 15.26
CA GLY B 79 -3.97 8.92 15.72
C GLY B 79 -3.50 9.73 14.53
N LYS B 80 -2.81 10.81 14.83
CA LYS B 80 -2.11 11.57 13.82
C LYS B 80 -0.65 11.78 14.22
N THR B 81 0.22 11.88 13.21
CA THR B 81 1.63 12.04 13.47
C THR B 81 1.97 13.37 14.17
N SER B 82 2.98 13.28 15.02
CA SER B 82 3.52 14.40 15.79
C SER B 82 4.38 15.31 14.92
N GLU B 83 4.93 16.36 15.54
CA GLU B 83 5.90 17.24 14.87
C GLU B 83 7.15 16.50 14.36
N SER B 84 7.44 15.32 14.90
CA SER B 84 8.56 14.53 14.39
C SER B 84 8.10 13.49 13.35
N GLY B 85 6.84 13.56 12.96
CA GLY B 85 6.26 12.60 12.01
C GLY B 85 6.00 11.22 12.58
N GLU B 86 5.94 11.10 13.92
CA GLU B 86 5.79 9.81 14.55
C GLU B 86 4.47 9.65 15.24
N LEU B 87 4.00 8.42 15.30
CA LEU B 87 2.81 8.12 16.06
C LEU B 87 3.11 6.94 16.97
N HIS B 88 3.06 7.20 18.27
CA HIS B 88 3.37 6.23 19.33
C HIS B 88 2.11 5.90 20.12
N GLY B 89 2.18 4.89 20.98
CA GLY B 89 1.09 4.64 21.93
C GLY B 89 -0.18 4.09 21.32
N LEU B 90 -0.08 3.51 20.14
CA LEU B 90 -1.21 2.90 19.45
C LEU B 90 -1.80 1.67 20.19
N THR B 91 -0.93 0.89 20.81
CA THR B 91 -1.34 -0.37 21.46
C THR B 91 -0.39 -0.74 22.61
N THR B 92 -0.70 -1.84 23.30
CA THR B 92 0.13 -2.34 24.41
C THR B 92 0.56 -3.75 24.05
N GLU B 93 1.56 -4.25 24.76
CA GLU B 93 2.04 -5.61 24.57
C GLU B 93 0.92 -6.65 24.71
N GLU B 94 0.05 -6.48 25.73
CA GLU B 94 -1.02 -7.49 25.98
C GLU B 94 -2.04 -7.52 24.87
N GLU B 95 -2.38 -6.34 24.36
CA GLU B 95 -3.44 -6.18 23.35
C GLU B 95 -2.98 -6.60 21.96
N PHE B 96 -1.69 -6.40 21.71
CA PHE B 96 -1.13 -6.58 20.38
C PHE B 96 -0.74 -8.04 20.16
N VAL B 97 -1.77 -8.88 20.07
CA VAL B 97 -1.60 -10.31 19.86
C VAL B 97 -1.40 -10.63 18.38
N GLU B 98 -0.99 -11.87 18.10
CA GLU B 98 -0.82 -12.33 16.72
C GLU B 98 -2.08 -12.09 15.90
N GLY B 99 -1.90 -11.79 14.62
CA GLY B 99 -3.03 -11.54 13.76
C GLY B 99 -2.59 -10.73 12.56
N ILE B 100 -3.55 -10.37 11.73
CA ILE B 100 -3.22 -9.60 10.53
C ILE B 100 -3.72 -8.19 10.82
N TYR B 101 -2.85 -7.22 10.59
CA TYR B 101 -3.12 -5.82 10.92
C TYR B 101 -3.01 -4.97 9.67
N LYS B 102 -3.81 -3.92 9.60
CA LYS B 102 -3.73 -2.97 8.49
C LYS B 102 -3.58 -1.57 9.08
N VAL B 103 -2.61 -0.82 8.56
CA VAL B 103 -2.47 0.60 8.90
C VAL B 103 -2.85 1.36 7.64
N GLU B 104 -3.88 2.21 7.77
CA GLU B 104 -4.39 3.00 6.64
C GLU B 104 -3.99 4.46 6.88
N ILE B 105 -3.04 4.95 6.09
CA ILE B 105 -2.48 6.28 6.31
C ILE B 105 -3.13 7.25 5.32
N ASP B 106 -3.74 8.33 5.83
CA ASP B 106 -4.49 9.28 4.98
C ASP B 106 -3.54 10.27 4.33
N THR B 107 -2.85 9.76 3.31
CA THR B 107 -1.87 10.55 2.60
C THR B 107 -2.59 11.59 1.72
N LYS B 108 -3.82 11.28 1.31
CA LYS B 108 -4.50 12.16 0.35
C LYS B 108 -4.80 13.49 1.04
N SER B 109 -5.31 13.45 2.28
CA SER B 109 -5.57 14.70 3.04
C SER B 109 -4.29 15.50 3.31
N TYR B 110 -3.18 14.80 3.52
CA TYR B 110 -1.88 15.44 3.70
C TYR B 110 -1.48 16.29 2.48
N TRP B 111 -1.54 15.68 1.30
CA TRP B 111 -1.14 16.39 0.08
C TRP B 111 -2.15 17.51 -0.24
N LYS B 112 -3.42 17.24 0.02
CA LYS B 112 -4.48 18.26 -0.15
C LYS B 112 -4.25 19.48 0.70
N ALA B 113 -3.81 19.30 1.94
CA ALA B 113 -3.52 20.43 2.82
C ALA B 113 -2.36 21.29 2.28
N LEU B 114 -1.45 20.65 1.55
CA LEU B 114 -0.30 21.33 0.96
C LEU B 114 -0.55 21.89 -0.45
N GLY B 115 -1.76 21.69 -0.97
CA GLY B 115 -2.12 22.17 -2.31
C GLY B 115 -1.50 21.39 -3.45
N ILE B 116 -1.25 20.10 -3.25
CA ILE B 116 -0.62 19.27 -4.26
C ILE B 116 -1.57 18.11 -4.56
N SER B 117 -1.86 17.87 -5.85
CA SER B 117 -2.79 16.81 -6.21
CA SER B 117 -2.79 16.81 -6.22
C SER B 117 -2.08 15.46 -6.12
N PRO B 118 -2.63 14.55 -5.30
CA PRO B 118 -1.91 13.27 -5.13
C PRO B 118 -2.54 12.16 -5.91
N PHE B 119 -1.80 11.08 -6.09
CA PHE B 119 -2.31 9.94 -6.86
C PHE B 119 -3.15 9.00 -5.98
N HIS B 120 -2.59 8.61 -4.83
CA HIS B 120 -3.20 7.58 -3.99
C HIS B 120 -4.31 8.11 -3.10
N GLU B 121 -5.32 7.28 -2.88
CA GLU B 121 -6.37 7.60 -1.90
C GLU B 121 -5.82 7.56 -0.48
N HIS B 122 -4.92 6.60 -0.25
CA HIS B 122 -4.26 6.44 1.03
C HIS B 122 -3.07 5.50 0.82
N ALA B 123 -2.23 5.35 1.83
CA ALA B 123 -1.21 4.31 1.78
C ALA B 123 -1.61 3.25 2.80
N GLU B 124 -1.60 1.99 2.40
CA GLU B 124 -2.02 0.89 3.26
C GLU B 124 -0.84 -0.03 3.54
N VAL B 125 -0.71 -0.44 4.79
CA VAL B 125 0.34 -1.38 5.16
C VAL B 125 -0.35 -2.53 5.88
N VAL B 126 -0.32 -3.73 5.26
CA VAL B 126 -1.01 -4.89 5.81
C VAL B 126 0.06 -5.94 6.11
N PHE B 127 0.07 -6.43 7.35
CA PHE B 127 1.11 -7.36 7.80
C PHE B 127 0.59 -8.33 8.85
N THR B 128 1.24 -9.49 8.96
CA THR B 128 0.97 -10.40 10.09
C THR B 128 1.92 -10.08 11.23
N ALA B 129 1.36 -9.91 12.42
CA ALA B 129 2.16 -9.55 13.57
C ALA B 129 2.50 -10.74 14.42
N ASN B 130 3.70 -10.68 14.99
CA ASN B 130 4.13 -11.47 16.14
C ASN B 130 4.25 -12.96 15.89
N ASP B 131 4.33 -13.33 14.61
CA ASP B 131 4.32 -14.73 14.18
C ASP B 131 5.30 -15.64 14.95
N SER B 132 6.32 -15.04 15.57
CA SER B 132 7.27 -15.79 16.38
C SER B 132 7.37 -15.20 17.80
N GLY B 133 6.30 -14.56 18.26
CA GLY B 133 6.29 -13.88 19.56
C GLY B 133 6.48 -12.38 19.41
N PRO B 134 6.03 -11.59 20.43
CA PRO B 134 6.18 -10.14 20.53
C PRO B 134 7.50 -9.55 20.02
N ARG B 135 7.37 -8.70 19.00
CA ARG B 135 8.48 -7.91 18.49
C ARG B 135 8.06 -6.45 18.57
N ARG B 136 9.04 -5.54 18.56
CA ARG B 136 8.71 -4.12 18.39
C ARG B 136 8.68 -3.83 16.89
N TYR B 137 7.64 -3.16 16.44
CA TYR B 137 7.48 -2.86 15.01
C TYR B 137 7.55 -1.39 14.77
N THR B 138 8.43 -0.95 13.88
CA THR B 138 8.35 0.41 13.39
C THR B 138 7.98 0.33 11.93
N ILE B 139 6.87 0.94 11.57
CA ILE B 139 6.48 1.05 10.17
C ILE B 139 6.85 2.44 9.71
N ALA B 140 7.70 2.53 8.68
CA ALA B 140 8.05 3.83 8.13
C ALA B 140 7.43 3.98 6.74
N ALA B 141 6.97 5.19 6.44
CA ALA B 141 6.41 5.49 5.14
C ALA B 141 7.03 6.79 4.65
N LEU B 142 7.48 6.78 3.40
CA LEU B 142 8.09 7.91 2.75
C LEU B 142 7.15 8.32 1.62
N LEU B 143 6.71 9.58 1.65
CA LEU B 143 5.62 10.01 0.77
C LEU B 143 6.03 10.98 -0.31
N SER B 144 5.56 10.71 -1.53
CA SER B 144 5.59 11.67 -2.63
C SER B 144 4.19 11.74 -3.27
N PRO B 145 3.90 12.78 -4.06
CA PRO B 145 2.54 12.89 -4.57
C PRO B 145 2.07 11.69 -5.42
N TYR B 146 2.98 11.12 -6.22
CA TYR B 146 2.64 9.94 -7.03
C TYR B 146 3.32 8.67 -6.64
N SER B 147 3.87 8.62 -5.41
CA SER B 147 4.62 7.44 -5.00
C SER B 147 4.67 7.35 -3.48
N TYR B 148 4.68 6.13 -2.95
CA TYR B 148 5.07 5.98 -1.56
C TYR B 148 5.87 4.71 -1.40
N SER B 149 6.71 4.70 -0.37
CA SER B 149 7.49 3.54 -0.02
CA SER B 149 7.47 3.51 -0.04
C SER B 149 7.23 3.22 1.44
N THR B 150 7.24 1.95 1.79
CA THR B 150 7.05 1.61 3.17
C THR B 150 8.00 0.49 3.54
N THR B 151 8.54 0.59 4.75
CA THR B 151 9.49 -0.39 5.25
CA THR B 151 9.43 -0.47 5.23
C THR B 151 9.11 -0.74 6.69
N ALA B 152 9.52 -1.90 7.15
CA ALA B 152 9.27 -2.31 8.52
C ALA B 152 10.64 -2.55 9.12
N VAL B 153 10.82 -2.08 10.36
CA VAL B 153 12.00 -2.38 11.14
C VAL B 153 11.45 -3.15 12.34
N VAL B 154 11.87 -4.40 12.48
CA VAL B 154 11.27 -5.29 13.46
C VAL B 154 12.42 -5.66 14.37
N THR B 155 12.37 -5.27 15.64
CA THR B 155 13.50 -5.46 16.55
C THR B 155 13.10 -6.11 17.86
N ASN B 156 14.07 -6.18 18.78
CA ASN B 156 13.86 -6.56 20.18
C ASN B 156 14.08 -5.36 21.09
O25 30Z C . 7.08 1.75 -17.38
C19 30Z C . 8.20 1.07 -17.09
C18 30Z C . 8.87 1.23 -15.87
C20 30Z C . 8.67 0.19 -18.05
O23 30Z C . 7.95 0.10 -19.20
C21 30Z C . 9.83 -0.55 -17.82
C22 30Z C . 10.49 -0.39 -16.61
C17 30Z C . 10.03 0.49 -15.63
C15 30Z C . 10.71 0.64 -14.41
C14 30Z C . 9.67 0.74 -13.27
C16 30Z C . 8.77 1.95 -13.57
C12 30Z C . 10.32 0.87 -11.87
C13 30Z C . 11.78 0.45 -11.92
C11 30Z C . 10.27 2.31 -11.32
C3 30Z C . 10.64 2.37 -9.97
C2 30Z C . 9.67 2.22 -8.98
C4 30Z C . 11.97 2.60 -9.59
C5 30Z C . 12.30 2.68 -8.24
O9 30Z C . 13.59 2.89 -7.81
C6 30Z C . 11.31 2.52 -7.26
C1 30Z C . 9.99 2.29 -7.63
O7 30Z C . 11.69 2.60 -5.94
O25 30Z D . 13.36 2.96 12.79
C19 30Z D . 13.35 4.21 12.27
C18 30Z D . 13.09 4.45 10.92
C20 30Z D . 13.61 5.25 13.14
O23 30Z D . 13.84 4.91 14.44
C21 30Z D . 13.63 6.56 12.68
C22 30Z D . 13.38 6.81 11.33
C17 30Z D . 13.12 5.75 10.46
C15 30Z D . 12.83 5.96 9.10
C14 30Z D . 13.93 6.51 8.21
C16 30Z D . 14.23 7.97 8.55
C12 30Z D . 13.37 6.39 6.79
C13 30Z D . 13.77 7.59 5.92
C11 30Z D . 13.88 5.08 6.14
C3 30Z D . 13.36 4.88 4.87
C2 30Z D . 14.14 5.20 3.77
C4 30Z D . 12.07 4.35 4.68
C5 30Z D . 11.58 4.15 3.39
O9 30Z D . 10.32 3.64 3.16
C6 30Z D . 12.37 4.49 2.30
C1 30Z D . 13.64 5.01 2.48
O7 30Z D . 11.88 4.28 1.05
#